data_9OR6
#
_entry.id   9OR6
#
_cell.length_a   183.486
_cell.length_b   34.083
_cell.length_c   98.734
_cell.angle_alpha   90.000
_cell.angle_beta   98.337
_cell.angle_gamma   90.000
#
_symmetry.space_group_name_H-M   'C 1 2 1'
#
loop_
_entity.id
_entity.type
_entity.pdbx_description
1 polymer 'DNA repair protein PprA'
2 non-polymer SPERMIDINE
3 water water
#
_entity_poly.entity_id   1
_entity_poly.type   'polypeptide(L)'
_entity_poly.pdbx_seq_one_letter_code
;QTDGIYAAFDTLMSTAGVDSQIAALAASEADAGTLDAALTQSLQEAQGRWGLGLHHLRHEARLTDDGDIEILTDGRPSAR
VSEGFGALAQAYAPMQALDERGLSQWAALGEGYRAPGDLPLAQLKVLIEHARDFETDWSAGRGETFQRVWRKGDTLFVEV
ARPASAEAALSKAAWKVIASIKDRAFQRELMRRSEKDGMLGALLGARHAGAKANLAQLPEAHFTVQAFVQTLSGAAARNA
EEYRAALKTAAAALEEYQGVTTRQLSEVLRHGLRES
;
_entity_poly.pdbx_strand_id   A,B
#
# COMPACT_ATOMS: atom_id res chain seq x y z
N ASP A 3 15.00 -34.84 -22.39
CA ASP A 3 15.07 -35.49 -21.08
C ASP A 3 16.17 -34.87 -20.23
N GLY A 4 17.28 -34.50 -20.86
CA GLY A 4 18.39 -33.93 -20.13
C GLY A 4 18.12 -32.55 -19.57
N ILE A 5 17.43 -31.70 -20.32
CA ILE A 5 17.18 -30.33 -19.86
C ILE A 5 16.22 -30.33 -18.68
N TYR A 6 15.29 -31.28 -18.64
CA TYR A 6 14.34 -31.34 -17.53
C TYR A 6 15.04 -31.75 -16.23
N ALA A 7 15.94 -32.74 -16.32
CA ALA A 7 16.73 -33.12 -15.16
C ALA A 7 17.70 -32.01 -14.76
N ALA A 8 18.20 -31.25 -15.74
CA ALA A 8 19.04 -30.10 -15.42
C ALA A 8 18.26 -29.06 -14.63
N PHE A 9 17.03 -28.80 -15.04
CA PHE A 9 16.18 -27.88 -14.27
C PHE A 9 15.89 -28.44 -12.88
N ASP A 10 15.69 -29.75 -12.78
CA ASP A 10 15.46 -30.37 -11.48
C ASP A 10 16.67 -30.19 -10.56
N THR A 11 17.88 -30.39 -11.09
CA THR A 11 19.08 -30.21 -10.28
C THR A 11 19.30 -28.74 -9.94
N LEU A 12 18.90 -27.83 -10.82
CA LEU A 12 18.96 -26.40 -10.49
C LEU A 12 18.01 -26.08 -9.34
N MET A 13 16.81 -26.67 -9.36
CA MET A 13 15.85 -26.43 -8.29
C MET A 13 16.31 -27.06 -6.99
N SER A 14 17.02 -28.19 -7.07
CA SER A 14 17.42 -28.90 -5.87
C SER A 14 18.40 -28.10 -5.02
N THR A 15 19.15 -27.18 -5.64
CA THR A 15 20.04 -26.32 -4.87
C THR A 15 19.27 -25.36 -3.99
N ALA A 16 18.01 -25.07 -4.31
CA ALA A 16 17.16 -24.22 -3.51
C ALA A 16 16.12 -25.01 -2.72
N GLY A 17 16.25 -26.34 -2.68
CA GLY A 17 15.33 -27.15 -1.92
C GLY A 17 13.97 -27.34 -2.56
N VAL A 18 13.87 -27.17 -3.88
CA VAL A 18 12.60 -27.29 -4.59
C VAL A 18 12.59 -28.64 -5.32
N ASP A 19 11.61 -29.46 -5.02
CA ASP A 19 11.44 -30.76 -5.67
C ASP A 19 10.45 -30.56 -6.81
N SER A 20 10.95 -30.06 -7.94
CA SER A 20 10.10 -29.64 -9.04
C SER A 20 9.49 -30.82 -9.80
N GLN A 21 10.22 -31.94 -9.91
CA GLN A 21 9.75 -33.12 -10.62
C GLN A 21 9.34 -32.78 -12.05
N ILE A 22 10.11 -31.90 -12.68
CA ILE A 22 9.80 -31.47 -14.04
C ILE A 22 10.02 -32.62 -15.02
N ALA A 23 11.02 -33.46 -14.77
CA ALA A 23 11.29 -34.59 -15.65
C ALA A 23 10.12 -35.56 -15.68
N ALA A 24 9.53 -35.85 -14.52
CA ALA A 24 8.37 -36.74 -14.48
C ALA A 24 7.19 -36.14 -15.21
N LEU A 25 6.96 -34.83 -15.04
CA LEU A 25 5.86 -34.18 -15.74
C LEU A 25 6.07 -34.18 -17.25
N ALA A 26 7.31 -34.01 -17.69
CA ALA A 26 7.61 -34.09 -19.12
C ALA A 26 7.39 -35.50 -19.64
N ALA A 27 7.79 -36.51 -18.87
CA ALA A 27 7.59 -37.89 -19.29
C ALA A 27 6.12 -38.27 -19.33
N SER A 28 5.28 -37.58 -18.54
CA SER A 28 3.86 -37.88 -18.51
C SER A 28 3.10 -37.28 -19.69
N GLU A 29 3.81 -36.62 -20.61
CA GLU A 29 3.21 -36.05 -21.82
C GLU A 29 2.12 -35.04 -21.48
N ALA A 30 2.34 -34.27 -20.41
CA ALA A 30 1.43 -33.20 -20.07
C ALA A 30 1.53 -32.08 -21.10
N ASP A 31 0.42 -31.37 -21.28
CA ASP A 31 0.39 -30.30 -22.27
C ASP A 31 1.31 -29.17 -21.87
N ALA A 32 1.56 -28.26 -22.81
CA ALA A 32 2.56 -27.22 -22.60
C ALA A 32 2.18 -26.33 -21.41
N GLY A 33 0.92 -25.91 -21.34
CA GLY A 33 0.53 -24.97 -20.29
C GLY A 33 0.82 -25.49 -18.89
N THR A 34 0.53 -26.76 -18.65
CA THR A 34 0.82 -27.35 -17.34
C THR A 34 2.30 -27.32 -17.04
N LEU A 35 3.14 -27.65 -18.03
CA LEU A 35 4.58 -27.67 -17.79
C LEU A 35 5.13 -26.27 -17.54
N ASP A 36 4.68 -25.28 -18.32
CA ASP A 36 5.09 -23.89 -18.05
C ASP A 36 4.64 -23.44 -16.66
N ALA A 37 3.41 -23.79 -16.27
CA ALA A 37 2.94 -23.40 -14.95
C ALA A 37 3.79 -24.03 -13.86
N ALA A 38 4.10 -25.32 -14.00
CA ALA A 38 4.93 -26.00 -13.00
C ALA A 38 6.33 -25.41 -12.94
N LEU A 39 6.93 -25.14 -14.09
CA LEU A 39 8.26 -24.53 -14.12
C LEU A 39 8.25 -23.17 -13.45
N THR A 40 7.24 -22.36 -13.77
CA THR A 40 7.15 -21.02 -13.18
C THR A 40 6.98 -21.10 -11.67
N GLN A 41 6.15 -22.02 -11.20
CA GLN A 41 5.90 -22.09 -9.74
C GLN A 41 7.18 -22.55 -9.06
N SER A 42 7.83 -23.58 -9.60
CA SER A 42 9.05 -24.08 -8.98
C SER A 42 10.14 -23.02 -8.95
N LEU A 43 10.30 -22.27 -10.05
CA LEU A 43 11.37 -21.28 -10.09
C LEU A 43 11.06 -20.09 -9.19
N GLN A 44 9.77 -19.71 -9.09
CA GLN A 44 9.39 -18.66 -8.14
C GLN A 44 9.62 -19.11 -6.71
N GLU A 45 9.36 -20.38 -6.42
CA GLU A 45 9.67 -20.93 -5.10
C GLU A 45 11.17 -20.89 -4.83
N ALA A 46 11.98 -21.21 -5.83
CA ALA A 46 13.42 -21.24 -5.64
C ALA A 46 14.01 -19.83 -5.52
N GLN A 47 13.37 -18.84 -6.13
CA GLN A 47 13.88 -17.48 -6.07
C GLN A 47 13.84 -16.94 -4.64
N GLY A 48 12.84 -17.32 -3.87
CA GLY A 48 12.76 -16.91 -2.48
C GLY A 48 13.76 -17.60 -1.57
N ARG A 49 14.41 -18.65 -2.05
CA ARG A 49 15.42 -19.36 -1.29
C ARG A 49 16.84 -19.05 -1.72
N TRP A 50 17.04 -18.65 -2.98
CA TRP A 50 18.38 -18.32 -3.46
C TRP A 50 18.91 -17.03 -2.83
N GLY A 51 18.04 -16.20 -2.29
CA GLY A 51 18.47 -14.97 -1.63
C GLY A 51 19.08 -13.93 -2.54
N LEU A 52 18.60 -13.83 -3.78
CA LEU A 52 19.06 -12.81 -4.71
C LEU A 52 18.38 -11.46 -4.48
N GLY A 53 17.31 -11.43 -3.69
CA GLY A 53 16.59 -10.20 -3.44
C GLY A 53 15.86 -9.63 -4.64
N LEU A 54 15.23 -10.47 -5.43
CA LEU A 54 14.51 -10.07 -6.62
C LEU A 54 13.00 -10.24 -6.45
N HIS A 55 12.50 -9.95 -5.26
CA HIS A 55 11.07 -10.09 -4.99
C HIS A 55 10.24 -9.10 -5.79
N HIS A 56 10.83 -7.97 -6.16
CA HIS A 56 10.14 -6.94 -6.94
C HIS A 56 10.00 -7.28 -8.41
N LEU A 57 10.65 -8.36 -8.87
CA LEU A 57 10.56 -8.79 -10.25
C LEU A 57 9.68 -10.04 -10.36
N ARG A 58 9.00 -10.15 -11.50
CA ARG A 58 8.18 -11.32 -11.80
C ARG A 58 9.03 -12.37 -12.49
N HIS A 59 9.06 -13.57 -11.90
CA HIS A 59 9.91 -14.65 -12.39
C HIS A 59 9.05 -15.72 -13.05
N GLU A 60 9.42 -16.10 -14.27
CA GLU A 60 8.66 -17.09 -15.03
C GLU A 60 9.61 -18.02 -15.76
N ALA A 61 9.13 -19.22 -16.06
CA ALA A 61 9.87 -20.20 -16.84
C ALA A 61 8.93 -20.86 -17.83
N ARG A 62 9.35 -20.97 -19.08
CA ARG A 62 8.48 -21.51 -20.13
C ARG A 62 9.28 -22.32 -21.13
N LEU A 63 8.60 -23.25 -21.80
CA LEU A 63 9.24 -24.04 -22.83
C LEU A 63 9.28 -23.29 -24.14
N THR A 64 10.34 -23.50 -24.92
CA THR A 64 10.53 -22.84 -26.20
C THR A 64 10.37 -23.85 -27.33
N ASP A 65 10.39 -23.34 -28.56
CA ASP A 65 10.16 -24.18 -29.73
C ASP A 65 11.24 -25.25 -29.88
N ASP A 66 12.50 -24.91 -29.59
CA ASP A 66 13.61 -25.82 -29.84
C ASP A 66 13.86 -26.79 -28.68
N GLY A 67 12.87 -27.00 -27.81
CA GLY A 67 12.98 -28.01 -26.78
C GLY A 67 13.74 -27.61 -25.54
N ASP A 68 13.93 -26.32 -25.30
CA ASP A 68 14.65 -25.83 -24.14
C ASP A 68 13.69 -25.16 -23.17
N ILE A 69 14.23 -24.65 -22.07
CA ILE A 69 13.48 -23.90 -21.07
C ILE A 69 14.10 -22.51 -20.97
N GLU A 70 13.25 -21.49 -21.09
CA GLU A 70 13.68 -20.10 -21.03
C GLU A 70 13.16 -19.46 -19.75
N ILE A 71 14.03 -18.74 -19.06
CA ILE A 71 13.70 -18.06 -17.81
C ILE A 71 13.55 -16.57 -18.10
N LEU A 72 12.48 -15.96 -17.58
CA LEU A 72 12.14 -14.58 -17.85
C LEU A 72 11.90 -13.82 -16.57
N THR A 73 12.32 -12.55 -16.54
CA THR A 73 12.03 -11.64 -15.46
C THR A 73 11.31 -10.41 -16.04
N ASP A 74 10.13 -10.10 -15.48
CA ASP A 74 9.29 -9.00 -15.95
C ASP A 74 8.98 -9.13 -17.44
N GLY A 75 8.82 -10.36 -17.91
CA GLY A 75 8.51 -10.62 -19.30
C GLY A 75 9.68 -10.53 -20.24
N ARG A 76 10.86 -10.18 -19.76
CA ARG A 76 12.08 -10.07 -20.54
C ARG A 76 12.90 -11.34 -20.43
N PRO A 77 13.30 -11.93 -21.55
CA PRO A 77 14.11 -13.16 -21.50
C PRO A 77 15.43 -12.90 -20.79
N SER A 78 15.86 -13.88 -20.00
CA SER A 78 17.11 -13.79 -19.25
C SER A 78 18.12 -14.84 -19.67
N ALA A 79 17.73 -16.12 -19.70
CA ALA A 79 18.66 -17.17 -20.06
C ALA A 79 17.90 -18.40 -20.51
N ARG A 80 18.64 -19.31 -21.15
CA ARG A 80 18.19 -20.65 -21.45
C ARG A 80 18.93 -21.62 -20.53
N VAL A 81 18.28 -22.74 -20.22
CA VAL A 81 18.89 -23.71 -19.33
C VAL A 81 20.14 -24.33 -19.95
N SER A 82 20.13 -24.54 -21.27
CA SER A 82 21.28 -25.13 -21.94
C SER A 82 22.51 -24.22 -21.89
N GLU A 83 22.33 -22.92 -21.65
CA GLU A 83 23.46 -22.01 -21.57
C GLU A 83 24.36 -22.26 -20.37
N GLY A 84 23.91 -23.03 -19.40
CA GLY A 84 24.66 -23.28 -18.19
C GLY A 84 24.12 -22.51 -17.01
N PHE A 85 24.45 -22.99 -15.81
CA PHE A 85 23.98 -22.36 -14.59
C PHE A 85 24.75 -21.08 -14.29
N GLY A 86 26.04 -21.06 -14.61
CA GLY A 86 26.80 -19.83 -14.46
C GLY A 86 26.27 -18.71 -15.34
N ALA A 87 25.78 -19.05 -16.52
CA ALA A 87 25.14 -18.06 -17.38
C ALA A 87 23.89 -17.48 -16.72
N LEU A 88 23.09 -18.33 -16.07
CA LEU A 88 21.91 -17.85 -15.36
C LEU A 88 22.30 -16.94 -14.20
N ALA A 89 23.36 -17.31 -13.47
CA ALA A 89 23.84 -16.46 -12.39
C ALA A 89 24.32 -15.12 -12.92
N GLN A 90 25.02 -15.13 -14.07
CA GLN A 90 25.47 -13.88 -14.67
C GLN A 90 24.30 -13.06 -15.18
N ALA A 91 23.22 -13.71 -15.59
CA ALA A 91 22.02 -12.97 -15.96
C ALA A 91 21.38 -12.31 -14.75
N TYR A 92 21.33 -13.01 -13.62
CA TYR A 92 20.69 -12.46 -12.43
C TYR A 92 21.55 -11.41 -11.74
N ALA A 93 22.87 -11.47 -11.89
CA ALA A 93 23.76 -10.61 -11.10
C ALA A 93 23.55 -9.12 -11.32
N PRO A 94 23.49 -8.59 -12.55
CA PRO A 94 23.36 -7.13 -12.70
C PRO A 94 22.06 -6.56 -12.14
N MET A 95 21.04 -7.38 -11.92
CA MET A 95 19.80 -6.89 -11.33
C MET A 95 19.83 -6.93 -9.81
N GLN A 96 20.92 -7.40 -9.21
CA GLN A 96 21.08 -7.44 -7.76
C GLN A 96 21.69 -6.13 -7.25
N ALA A 97 21.47 -5.88 -5.96
CA ALA A 97 22.09 -4.76 -5.26
C ALA A 97 22.26 -5.21 -3.80
N LEU A 98 23.44 -5.72 -3.48
CA LEU A 98 23.71 -6.29 -2.16
C LEU A 98 24.64 -5.37 -1.38
N ASP A 99 24.42 -5.32 -0.07
CA ASP A 99 25.29 -4.53 0.80
C ASP A 99 26.49 -5.39 1.23
N GLU A 100 27.27 -4.88 2.18
CA GLU A 100 28.46 -5.60 2.62
C GLU A 100 28.12 -6.87 3.38
N ARG A 101 26.88 -6.99 3.89
CA ARG A 101 26.46 -8.17 4.61
C ARG A 101 25.89 -9.25 3.71
N GLY A 102 25.78 -9.00 2.41
CA GLY A 102 25.17 -9.94 1.50
C GLY A 102 23.66 -9.86 1.42
N LEU A 103 23.05 -8.83 1.98
CA LEU A 103 21.61 -8.68 1.99
C LEU A 103 21.19 -7.72 0.88
N SER A 104 20.05 -8.01 0.26
CA SER A 104 19.55 -7.17 -0.82
C SER A 104 19.09 -5.82 -0.28
N GLN A 105 19.49 -4.76 -0.97
CA GLN A 105 19.06 -3.40 -0.64
C GLN A 105 17.76 -3.01 -1.31
N TRP A 106 17.25 -3.83 -2.23
CA TRP A 106 15.99 -3.54 -2.88
C TRP A 106 14.82 -3.78 -1.93
N ALA A 107 13.79 -2.96 -2.06
CA ALA A 107 12.56 -3.16 -1.33
C ALA A 107 11.68 -4.20 -2.04
N ALA A 108 10.92 -4.94 -1.24
CA ALA A 108 10.03 -5.95 -1.81
C ALA A 108 8.79 -5.33 -2.44
N LEU A 109 8.30 -4.23 -1.87
CA LEU A 109 7.10 -3.57 -2.36
C LEU A 109 7.39 -2.50 -3.40
N GLY A 110 8.67 -2.29 -3.74
CA GLY A 110 8.98 -1.27 -4.73
C GLY A 110 8.99 0.11 -4.12
N GLU A 111 8.56 1.09 -4.91
CA GLU A 111 8.52 2.47 -4.45
C GLU A 111 7.47 2.65 -3.36
N GLY A 112 7.84 3.35 -2.31
CA GLY A 112 6.97 3.54 -1.17
C GLY A 112 7.79 3.63 0.09
N TYR A 113 7.08 3.76 1.22
CA TYR A 113 7.75 3.85 2.50
C TYR A 113 8.09 2.46 3.04
N ARG A 114 9.28 2.34 3.60
CA ARG A 114 9.70 1.14 4.30
C ARG A 114 10.10 1.50 5.72
N ALA A 115 9.55 0.76 6.68
CA ALA A 115 9.84 1.02 8.08
C ALA A 115 11.25 0.57 8.44
N PRO A 116 11.84 1.14 9.52
CA PRO A 116 13.16 0.73 9.91
C PRO A 116 13.09 -0.69 10.40
N GLY A 117 14.22 -1.35 10.40
CA GLY A 117 14.25 -2.70 10.97
C GLY A 117 14.39 -2.59 12.47
N ASP A 118 14.23 -3.72 13.18
CA ASP A 118 14.33 -3.73 14.66
C ASP A 118 13.20 -2.88 15.26
N LEU A 119 12.03 -2.89 14.60
CA LEU A 119 10.87 -2.14 15.12
C LEU A 119 10.38 -2.90 16.36
N PRO A 120 10.10 -2.20 17.47
CA PRO A 120 9.64 -2.86 18.68
C PRO A 120 8.38 -3.68 18.44
N LEU A 121 8.18 -4.75 19.21
CA LEU A 121 7.06 -5.64 19.00
C LEU A 121 5.73 -4.90 19.03
N ALA A 122 5.62 -3.84 19.83
CA ALA A 122 4.36 -3.11 19.90
C ALA A 122 4.06 -2.40 18.58
N GLN A 123 5.02 -1.66 18.05
CA GLN A 123 4.82 -0.94 16.80
C GLN A 123 4.60 -1.90 15.63
N LEU A 124 5.40 -2.96 15.58
CA LEU A 124 5.22 -3.97 14.53
C LEU A 124 3.86 -4.65 14.64
N LYS A 125 3.39 -4.86 15.87
CA LYS A 125 2.08 -5.43 16.09
C LYS A 125 0.98 -4.52 15.58
N VAL A 126 1.10 -3.21 15.83
CA VAL A 126 0.13 -2.26 15.29
C VAL A 126 0.15 -2.30 13.77
N LEU A 127 1.33 -2.36 13.17
CA LEU A 127 1.41 -2.45 11.72
C LEU A 127 0.74 -3.71 11.20
N ILE A 128 0.98 -4.85 11.85
CA ILE A 128 0.43 -6.12 11.41
C ILE A 128 -1.09 -6.13 11.54
N GLU A 129 -1.62 -5.52 12.60
CA GLU A 129 -3.06 -5.58 12.84
C GLU A 129 -3.85 -4.51 12.09
N HIS A 130 -3.28 -3.35 11.82
CA HIS A 130 -4.07 -2.22 11.35
C HIS A 130 -3.55 -1.52 10.10
N ALA A 131 -2.32 -1.76 9.67
CA ALA A 131 -1.84 -1.18 8.43
C ALA A 131 -2.31 -2.01 7.24
N ARG A 132 -2.39 -1.38 6.07
CA ARG A 132 -2.79 -2.09 4.88
C ARG A 132 -1.63 -2.87 4.27
N ASP A 133 -0.62 -2.15 3.79
CA ASP A 133 0.59 -2.75 3.27
C ASP A 133 1.79 -2.08 3.93
N PHE A 134 2.81 -2.87 4.25
CA PHE A 134 3.99 -2.35 4.90
C PHE A 134 5.16 -3.28 4.65
N GLU A 135 6.34 -2.74 4.93
CA GLU A 135 7.60 -3.48 4.75
C GLU A 135 8.61 -2.93 5.76
N THR A 136 9.52 -3.77 6.25
CA THR A 136 10.58 -3.33 7.14
C THR A 136 11.94 -3.65 6.54
N ASP A 137 12.94 -2.89 6.96
CA ASP A 137 14.31 -3.13 6.53
C ASP A 137 14.86 -4.36 7.24
N TRP A 138 16.09 -4.72 6.88
CA TRP A 138 16.74 -5.86 7.50
C TRP A 138 17.09 -5.55 8.96
N SER A 139 17.04 -6.58 9.80
CA SER A 139 17.35 -6.43 11.20
C SER A 139 18.86 -6.23 11.39
N ALA A 140 19.26 -5.92 12.63
CA ALA A 140 20.67 -5.76 12.94
C ALA A 140 21.43 -7.08 12.78
N GLY A 141 20.74 -8.20 12.96
CA GLY A 141 21.36 -9.49 12.81
C GLY A 141 21.58 -10.18 14.15
N ARG A 142 21.47 -11.49 14.14
CA ARG A 142 21.76 -12.28 15.36
C ARG A 142 22.87 -13.19 14.90
N GLY A 143 24.03 -12.62 14.58
CA GLY A 143 25.11 -13.41 13.99
C GLY A 143 25.10 -13.09 12.51
N GLU A 144 25.14 -14.10 11.67
CA GLU A 144 25.03 -13.87 10.22
C GLU A 144 23.59 -14.14 9.75
N THR A 145 22.63 -14.17 10.69
CA THR A 145 21.21 -14.41 10.33
C THR A 145 20.41 -13.13 10.53
N PHE A 146 19.65 -12.72 9.52
CA PHE A 146 18.88 -11.49 9.48
C PHE A 146 17.43 -11.80 9.13
N GLN A 147 16.54 -10.84 9.39
CA GLN A 147 15.13 -11.04 9.17
C GLN A 147 14.49 -9.77 8.65
N ARG A 148 13.40 -9.93 7.91
CA ARG A 148 12.54 -8.81 7.54
C ARG A 148 11.15 -9.35 7.21
N VAL A 149 10.18 -8.44 7.12
CA VAL A 149 8.79 -8.82 6.92
C VAL A 149 8.11 -7.78 6.04
N TRP A 150 7.22 -8.24 5.15
CA TRP A 150 6.46 -7.34 4.31
C TRP A 150 5.13 -7.98 3.96
N ARG A 151 4.09 -7.15 3.86
CA ARG A 151 2.76 -7.63 3.50
C ARG A 151 2.31 -6.98 2.19
N LYS A 152 1.80 -7.81 1.29
CA LYS A 152 1.17 -7.32 0.06
C LYS A 152 -0.22 -7.93 -0.01
N GLY A 153 -1.22 -7.06 -0.11
CA GLY A 153 -2.60 -7.51 -0.20
C GLY A 153 -3.03 -8.35 0.98
N ASP A 154 -3.21 -9.65 0.74
CA ASP A 154 -3.67 -10.58 1.76
C ASP A 154 -2.56 -11.50 2.25
N THR A 155 -1.33 -11.32 1.79
CA THR A 155 -0.25 -12.25 2.11
C THR A 155 0.88 -11.52 2.83
N LEU A 156 1.32 -12.10 3.95
CA LEU A 156 2.44 -11.62 4.72
C LEU A 156 3.63 -12.53 4.50
N PHE A 157 4.80 -11.95 4.23
CA PHE A 157 6.02 -12.70 3.96
C PHE A 157 7.04 -12.36 5.03
N VAL A 158 7.57 -13.39 5.69
CA VAL A 158 8.64 -13.24 6.66
C VAL A 158 9.87 -13.92 6.08
N GLU A 159 10.91 -13.14 5.78
CA GLU A 159 12.13 -13.64 5.17
C GLU A 159 13.24 -13.67 6.21
N VAL A 160 13.84 -14.84 6.38
CA VAL A 160 15.00 -15.03 7.25
C VAL A 160 16.17 -15.46 6.37
N ALA A 161 17.23 -14.69 6.37
CA ALA A 161 18.34 -14.88 5.44
C ALA A 161 19.65 -14.99 6.19
N ARG A 162 20.44 -16.01 5.86
CA ARG A 162 21.84 -16.11 6.26
C ARG A 162 22.65 -16.07 4.98
N PRO A 163 23.14 -14.89 4.58
CA PRO A 163 23.81 -14.77 3.30
C PRO A 163 25.03 -15.68 3.20
N ALA A 164 25.18 -16.29 2.03
CA ALA A 164 26.30 -17.19 1.76
C ALA A 164 26.42 -17.38 0.26
N SER A 165 27.58 -17.06 -0.27
CA SER A 165 27.87 -17.38 -1.67
C SER A 165 28.06 -18.88 -1.82
N ALA A 166 27.93 -19.36 -3.06
CA ALA A 166 28.20 -20.77 -3.33
C ALA A 166 29.61 -21.13 -2.91
N GLU A 167 30.56 -20.21 -3.10
CA GLU A 167 31.93 -20.44 -2.66
C GLU A 167 32.02 -20.60 -1.15
N ALA A 168 31.23 -19.82 -0.42
CA ALA A 168 31.24 -19.91 1.05
C ALA A 168 30.72 -21.27 1.51
N ALA A 169 29.61 -21.73 0.92
CA ALA A 169 29.08 -23.04 1.28
C ALA A 169 30.06 -24.15 0.93
N LEU A 170 30.70 -24.05 -0.24
CA LEU A 170 31.70 -25.04 -0.62
C LEU A 170 32.88 -25.03 0.34
N SER A 171 33.27 -23.84 0.82
CA SER A 171 34.37 -23.74 1.78
C SER A 171 33.99 -24.39 3.11
N LYS A 172 32.74 -24.18 3.55
CA LYS A 172 32.29 -24.84 4.78
C LYS A 172 32.30 -26.35 4.63
N ALA A 173 31.84 -26.84 3.48
CA ALA A 173 31.88 -28.28 3.23
C ALA A 173 33.31 -28.80 3.18
N ALA A 174 34.22 -28.00 2.61
CA ALA A 174 35.63 -28.39 2.55
C ALA A 174 36.23 -28.49 3.94
N TRP A 175 35.91 -27.53 4.81
CA TRP A 175 36.35 -27.62 6.20
C TRP A 175 35.82 -28.89 6.84
N LYS A 176 34.55 -29.22 6.59
CA LYS A 176 33.96 -30.41 7.18
C LYS A 176 34.67 -31.68 6.72
N VAL A 177 34.92 -31.81 5.41
CA VAL A 177 35.52 -33.04 4.90
C VAL A 177 36.98 -33.15 5.35
N ILE A 178 37.69 -32.02 5.41
CA ILE A 178 39.07 -32.06 5.89
C ILE A 178 39.10 -32.47 7.36
N ALA A 179 38.15 -31.98 8.16
CA ALA A 179 38.05 -32.44 9.54
C ALA A 179 37.67 -33.91 9.62
N SER A 180 37.00 -34.42 8.59
CA SER A 180 36.59 -35.82 8.57
C SER A 180 37.68 -36.77 8.08
N ILE A 181 38.77 -36.24 7.50
CA ILE A 181 39.79 -37.09 6.90
C ILE A 181 40.50 -37.90 7.99
N LYS A 182 40.60 -39.21 7.78
CA LYS A 182 41.25 -40.07 8.76
C LYS A 182 42.76 -40.13 8.58
N ASP A 183 43.25 -39.84 7.37
CA ASP A 183 44.68 -39.81 7.10
C ASP A 183 45.25 -38.54 7.72
N ARG A 184 45.83 -38.67 8.91
CA ARG A 184 46.29 -37.50 9.65
C ARG A 184 47.40 -36.75 8.91
N ALA A 185 48.35 -37.47 8.32
CA ALA A 185 49.40 -36.81 7.55
C ALA A 185 48.82 -36.07 6.35
N PHE A 186 47.85 -36.70 5.66
CA PHE A 186 47.24 -36.06 4.50
C PHE A 186 46.47 -34.80 4.90
N GLN A 187 45.72 -34.87 6.00
CA GLN A 187 44.95 -33.70 6.42
C GLN A 187 45.86 -32.58 6.91
N ARG A 188 46.98 -32.94 7.55
CA ARG A 188 47.93 -31.92 7.98
C ARG A 188 48.59 -31.27 6.77
N GLU A 189 48.91 -32.06 5.75
CA GLU A 189 49.46 -31.50 4.51
C GLU A 189 48.45 -30.58 3.85
N LEU A 190 47.18 -30.99 3.81
CA LEU A 190 46.14 -30.16 3.22
C LEU A 190 45.99 -28.86 3.98
N MET A 191 46.07 -28.90 5.30
CA MET A 191 46.00 -27.67 6.09
C MET A 191 47.21 -26.77 5.81
N ARG A 192 48.38 -27.38 5.64
CA ARG A 192 49.57 -26.59 5.32
C ARG A 192 49.40 -25.88 3.98
N ARG A 193 48.83 -26.56 2.98
CA ARG A 193 48.56 -25.89 1.71
C ARG A 193 47.43 -24.88 1.84
N SER A 194 46.46 -25.14 2.72
CA SER A 194 45.35 -24.22 2.89
C SER A 194 45.80 -22.90 3.49
N GLU A 195 46.74 -22.93 4.45
CA GLU A 195 47.29 -21.68 4.98
C GLU A 195 47.75 -20.73 3.88
N LYS A 196 48.12 -21.27 2.72
CA LYS A 196 48.57 -20.48 1.59
C LYS A 196 47.47 -20.20 0.56
N ASP A 197 46.60 -21.18 0.29
CA ASP A 197 45.69 -21.09 -0.85
C ASP A 197 44.21 -21.19 -0.48
N GLY A 198 43.83 -20.93 0.77
CA GLY A 198 42.44 -21.10 1.13
C GLY A 198 42.07 -22.56 1.27
N MET A 199 41.14 -22.88 2.16
CA MET A 199 40.77 -24.27 2.40
C MET A 199 40.09 -24.87 1.18
N LEU A 200 39.22 -24.10 0.53
CA LEU A 200 38.57 -24.57 -0.69
C LEU A 200 39.59 -24.86 -1.78
N GLY A 201 40.53 -23.95 -2.00
CA GLY A 201 41.54 -24.17 -3.01
C GLY A 201 42.44 -25.34 -2.69
N ALA A 202 42.78 -25.52 -1.41
CA ALA A 202 43.58 -26.67 -1.02
C ALA A 202 42.84 -27.98 -1.30
N LEU A 203 41.53 -28.01 -1.01
CA LEU A 203 40.77 -29.22 -1.32
C LEU A 203 40.70 -29.47 -2.82
N LEU A 204 40.44 -28.43 -3.60
CA LEU A 204 40.32 -28.61 -5.04
C LEU A 204 41.64 -29.01 -5.69
N GLY A 205 42.76 -28.55 -5.13
CA GLY A 205 44.05 -28.93 -5.68
C GLY A 205 44.35 -30.41 -5.53
N ALA A 206 43.73 -31.06 -4.54
CA ALA A 206 43.93 -32.48 -4.29
C ALA A 206 42.83 -33.34 -4.92
N ARG A 207 41.99 -32.76 -5.78
CA ARG A 207 40.90 -33.46 -6.40
C ARG A 207 41.36 -34.10 -7.71
N HIS A 208 40.42 -34.58 -8.52
CA HIS A 208 40.74 -35.21 -9.78
C HIS A 208 41.30 -34.18 -10.77
N ALA A 209 41.89 -34.69 -11.84
CA ALA A 209 42.36 -33.83 -12.92
C ALA A 209 41.18 -33.19 -13.65
N GLY A 210 41.27 -31.90 -13.90
CA GLY A 210 40.17 -31.19 -14.54
C GLY A 210 38.91 -31.16 -13.70
N ALA A 211 39.05 -31.25 -12.37
CA ALA A 211 37.87 -31.27 -11.51
C ALA A 211 37.17 -29.93 -11.49
N LYS A 212 37.91 -28.83 -11.63
CA LYS A 212 37.29 -27.51 -11.68
C LYS A 212 36.37 -27.37 -12.89
N ALA A 213 36.80 -27.88 -14.05
CA ALA A 213 35.93 -27.90 -15.22
C ALA A 213 34.80 -28.91 -15.04
N ASN A 214 35.02 -29.97 -14.28
CA ASN A 214 33.99 -30.95 -14.00
C ASN A 214 33.08 -30.55 -12.84
N LEU A 215 33.34 -29.40 -12.21
CA LEU A 215 32.53 -28.89 -11.12
C LEU A 215 31.68 -27.70 -11.51
N ALA A 216 32.10 -26.93 -12.52
CA ALA A 216 31.28 -25.84 -13.02
C ALA A 216 30.00 -26.34 -13.67
N GLN A 217 29.96 -27.61 -14.05
CA GLN A 217 28.74 -28.20 -14.60
C GLN A 217 27.67 -28.44 -13.54
N LEU A 218 28.03 -28.36 -12.27
CA LEU A 218 27.07 -28.56 -11.19
C LEU A 218 26.42 -27.22 -10.82
N PRO A 219 25.10 -27.20 -10.59
CA PRO A 219 24.44 -25.93 -10.24
C PRO A 219 24.89 -25.37 -8.90
N GLU A 220 25.39 -26.22 -8.00
CA GLU A 220 25.77 -25.77 -6.67
C GLU A 220 27.01 -24.89 -6.67
N ALA A 221 27.72 -24.78 -7.79
CA ALA A 221 28.85 -23.87 -7.88
C ALA A 221 28.42 -22.43 -8.12
N HIS A 222 27.14 -22.18 -8.37
CA HIS A 222 26.66 -20.83 -8.66
C HIS A 222 25.43 -20.49 -7.82
N PHE A 223 24.72 -21.50 -7.31
CA PHE A 223 23.50 -21.30 -6.57
C PHE A 223 23.54 -22.08 -5.26
N THR A 224 23.01 -21.47 -4.21
CA THR A 224 22.92 -22.09 -2.89
C THR A 224 21.80 -21.41 -2.12
N VAL A 225 21.39 -22.05 -1.02
CA VAL A 225 20.31 -21.51 -0.21
C VAL A 225 20.86 -20.39 0.67
N GLN A 226 20.30 -19.19 0.50
CA GLN A 226 20.64 -18.04 1.33
C GLN A 226 19.51 -17.55 2.21
N ALA A 227 18.27 -17.95 1.95
CA ALA A 227 17.14 -17.38 2.68
C ALA A 227 15.98 -18.36 2.67
N PHE A 228 15.01 -18.10 3.55
CA PHE A 228 13.75 -18.81 3.56
C PHE A 228 12.63 -17.81 3.82
N VAL A 229 11.57 -17.89 3.04
CA VAL A 229 10.42 -17.00 3.18
C VAL A 229 9.23 -17.86 3.62
N GLN A 230 8.64 -17.49 4.75
CA GLN A 230 7.43 -18.13 5.25
C GLN A 230 6.25 -17.19 5.02
N THR A 231 5.16 -17.72 4.48
CA THR A 231 4.02 -16.93 4.06
C THR A 231 2.81 -17.23 4.92
N LEU A 232 2.10 -16.17 5.28
CA LEU A 232 0.81 -16.25 5.97
C LEU A 232 -0.24 -15.60 5.09
N SER A 233 -1.47 -16.12 5.15
CA SER A 233 -2.56 -15.62 4.33
C SER A 233 -3.82 -15.48 5.17
N GLY A 234 -4.69 -14.57 4.74
CA GLY A 234 -5.96 -14.39 5.41
C GLY A 234 -5.78 -13.78 6.79
N ALA A 235 -6.57 -14.26 7.75
CA ALA A 235 -6.53 -13.71 9.09
C ALA A 235 -5.16 -13.90 9.74
N ALA A 236 -4.49 -15.01 9.45
CA ALA A 236 -3.15 -15.23 9.99
C ALA A 236 -2.16 -14.18 9.49
N ALA A 237 -2.46 -13.53 8.37
CA ALA A 237 -1.61 -12.45 7.89
C ALA A 237 -1.68 -11.21 8.77
N ARG A 238 -2.69 -11.12 9.65
CA ARG A 238 -2.81 -10.00 10.57
C ARG A 238 -2.66 -10.44 12.02
N ASN A 239 -1.90 -11.51 12.25
CA ASN A 239 -1.70 -12.08 13.58
C ASN A 239 -0.24 -11.93 13.95
N ALA A 240 0.03 -11.18 15.03
CA ALA A 240 1.40 -11.03 15.50
C ALA A 240 1.97 -12.34 16.00
N GLU A 241 1.14 -13.13 16.69
CA GLU A 241 1.59 -14.43 17.17
C GLU A 241 1.94 -15.34 16.00
N GLU A 242 1.10 -15.35 14.96
CA GLU A 242 1.42 -16.12 13.77
C GLU A 242 2.68 -15.60 13.09
N TYR A 243 2.88 -14.28 13.13
CA TYR A 243 4.07 -13.69 12.52
C TYR A 243 5.34 -14.18 13.22
N ARG A 244 5.34 -14.19 14.55
CA ARG A 244 6.55 -14.57 15.30
C ARG A 244 6.76 -16.08 15.17
N ALA A 245 5.68 -16.85 15.17
CA ALA A 245 5.80 -18.28 14.93
C ALA A 245 6.36 -18.57 13.55
N ALA A 246 5.92 -17.82 12.54
CA ALA A 246 6.44 -18.00 11.19
C ALA A 246 7.90 -17.58 11.09
N LEU A 247 8.30 -16.56 11.84
CA LEU A 247 9.70 -16.17 11.89
C LEU A 247 10.56 -17.30 12.43
N LYS A 248 10.10 -17.93 13.53
CA LYS A 248 10.82 -19.08 14.08
C LYS A 248 10.83 -20.24 13.09
N THR A 249 9.71 -20.49 12.42
CA THR A 249 9.64 -21.57 11.44
C THR A 249 10.62 -21.35 10.30
N ALA A 250 10.68 -20.12 9.79
CA ALA A 250 11.58 -19.81 8.69
C ALA A 250 13.03 -19.93 9.13
N ALA A 251 13.35 -19.50 10.36
CA ALA A 251 14.71 -19.64 10.85
C ALA A 251 15.13 -21.10 10.94
N ALA A 252 14.26 -21.94 11.51
CA ALA A 252 14.57 -23.37 11.62
C ALA A 252 14.69 -24.01 10.25
N ALA A 253 13.80 -23.64 9.32
CA ALA A 253 13.85 -24.20 7.97
C ALA A 253 15.13 -23.79 7.26
N LEU A 254 15.55 -22.53 7.42
CA LEU A 254 16.79 -22.08 6.80
C LEU A 254 17.98 -22.85 7.36
N GLU A 255 18.00 -23.06 8.68
CA GLU A 255 19.08 -23.82 9.28
C GLU A 255 19.12 -25.25 8.75
N GLU A 256 17.95 -25.89 8.66
CA GLU A 256 17.89 -27.25 8.14
C GLU A 256 18.34 -27.31 6.68
N TYR A 257 17.87 -26.38 5.86
CA TYR A 257 18.23 -26.38 4.44
C TYR A 257 19.73 -26.16 4.25
N GLN A 258 20.31 -25.20 4.98
CA GLN A 258 21.73 -24.94 4.82
C GLN A 258 22.57 -26.10 5.34
N GLY A 259 22.12 -26.76 6.40
CA GLY A 259 22.82 -27.96 6.84
C GLY A 259 22.75 -29.07 5.80
N VAL A 260 21.60 -29.22 5.14
CA VAL A 260 21.47 -30.23 4.10
C VAL A 260 22.39 -29.93 2.93
N THR A 261 22.47 -28.66 2.51
CA THR A 261 23.40 -28.30 1.44
C THR A 261 24.84 -28.54 1.87
N THR A 262 25.18 -28.23 3.12
CA THR A 262 26.54 -28.48 3.59
C THR A 262 26.87 -29.97 3.53
N ARG A 263 25.94 -30.82 3.97
CA ARG A 263 26.17 -32.27 3.91
C ARG A 263 26.33 -32.74 2.48
N GLN A 264 25.48 -32.26 1.57
CA GLN A 264 25.54 -32.70 0.18
C GLN A 264 26.84 -32.26 -0.47
N LEU A 265 27.24 -31.01 -0.23
CA LEU A 265 28.49 -30.51 -0.81
C LEU A 265 29.68 -31.24 -0.23
N SER A 266 29.65 -31.58 1.06
CA SER A 266 30.73 -32.35 1.64
C SER A 266 30.82 -33.74 1.02
N GLU A 267 29.67 -34.40 0.84
CA GLU A 267 29.68 -35.72 0.23
C GLU A 267 30.05 -35.70 -1.23
N VAL A 268 29.89 -34.57 -1.91
CA VAL A 268 30.37 -34.41 -3.27
C VAL A 268 31.88 -34.18 -3.31
N LEU A 269 32.37 -33.26 -2.47
CA LEU A 269 33.80 -32.96 -2.45
C LEU A 269 34.64 -34.15 -2.00
N ARG A 270 34.16 -34.91 -1.01
CA ARG A 270 34.89 -36.09 -0.56
C ARG A 270 34.90 -37.16 -1.63
N HIS A 271 33.73 -37.43 -2.24
CA HIS A 271 33.65 -38.43 -3.29
C HIS A 271 34.38 -38.03 -4.56
N GLY A 272 34.71 -36.74 -4.72
CA GLY A 272 35.50 -36.32 -5.85
C GLY A 272 36.86 -36.99 -5.89
N LEU A 273 37.72 -36.64 -4.93
CA LEU A 273 39.04 -37.25 -4.79
C LEU A 273 39.67 -36.89 -3.45
N ASP B 3 -23.68 35.34 -17.31
CA ASP B 3 -22.93 34.44 -16.44
C ASP B 3 -23.85 33.72 -15.46
N GLY B 4 -25.02 33.32 -15.93
CA GLY B 4 -26.00 32.69 -15.07
C GLY B 4 -25.54 31.36 -14.48
N ILE B 5 -24.98 30.49 -15.32
CA ILE B 5 -24.49 29.21 -14.83
C ILE B 5 -23.28 29.40 -13.92
N TYR B 6 -22.41 30.36 -14.25
CA TYR B 6 -21.28 30.65 -13.39
C TYR B 6 -21.75 31.15 -12.02
N ALA B 7 -22.75 32.03 -12.00
CA ALA B 7 -23.27 32.53 -10.74
C ALA B 7 -23.95 31.43 -9.94
N ALA B 8 -24.69 30.54 -10.62
CA ALA B 8 -25.32 29.42 -9.93
C ALA B 8 -24.27 28.51 -9.29
N PHE B 9 -23.19 28.22 -10.01
CA PHE B 9 -22.09 27.45 -9.43
C PHE B 9 -21.47 28.20 -8.26
N ASP B 10 -21.40 29.53 -8.36
CA ASP B 10 -20.86 30.33 -7.27
C ASP B 10 -21.70 30.19 -6.01
N THR B 11 -23.03 30.24 -6.13
CA THR B 11 -23.88 30.03 -4.96
C THR B 11 -23.77 28.61 -4.44
N LEU B 12 -23.66 27.64 -5.35
CA LEU B 12 -23.49 26.24 -4.93
C LEU B 12 -22.23 26.07 -4.10
N MET B 13 -21.15 26.75 -4.50
CA MET B 13 -19.92 26.70 -3.72
C MET B 13 -20.05 27.49 -2.43
N SER B 14 -20.80 28.58 -2.46
CA SER B 14 -20.94 29.43 -1.28
C SER B 14 -21.72 28.72 -0.18
N THR B 15 -22.61 27.79 -0.54
CA THR B 15 -23.28 27.02 0.50
C THR B 15 -22.31 26.17 1.30
N ALA B 16 -21.11 25.90 0.77
CA ALA B 16 -20.07 25.22 1.50
C ALA B 16 -19.00 26.18 2.03
N GLY B 17 -19.22 27.48 1.89
CA GLY B 17 -18.22 28.44 2.33
C GLY B 17 -17.06 28.61 1.39
N VAL B 18 -17.23 28.29 0.11
CA VAL B 18 -16.17 28.39 -0.87
C VAL B 18 -16.39 29.64 -1.72
N ASP B 19 -15.40 30.52 -1.75
CA ASP B 19 -15.45 31.72 -2.59
C ASP B 19 -14.82 31.38 -3.92
N SER B 20 -15.60 30.74 -4.78
CA SER B 20 -15.08 30.22 -6.05
C SER B 20 -14.76 31.33 -7.04
N GLN B 21 -15.57 32.40 -7.07
CA GLN B 21 -15.38 33.52 -8.00
C GLN B 21 -15.30 33.04 -9.44
N ILE B 22 -16.16 32.09 -9.79
CA ILE B 22 -16.13 31.51 -11.12
C ILE B 22 -16.60 32.52 -12.16
N ALA B 23 -17.63 33.31 -11.82
CA ALA B 23 -18.14 34.30 -12.76
C ALA B 23 -17.10 35.35 -13.08
N ALA B 24 -16.35 35.80 -12.06
CA ALA B 24 -15.28 36.75 -12.30
C ALA B 24 -14.19 36.16 -13.18
N LEU B 25 -13.86 34.89 -12.98
CA LEU B 25 -12.86 34.23 -13.81
C LEU B 25 -13.33 34.14 -15.26
N ALA B 26 -14.61 33.82 -15.47
CA ALA B 26 -15.14 33.77 -16.82
C ALA B 26 -15.17 35.15 -17.46
N ALA B 27 -15.39 36.19 -16.65
CA ALA B 27 -15.42 37.55 -17.18
C ALA B 27 -14.07 37.99 -17.71
N SER B 28 -12.98 37.41 -17.20
CA SER B 28 -11.64 37.76 -17.64
C SER B 28 -11.22 37.01 -18.89
N GLU B 29 -12.18 36.45 -19.64
CA GLU B 29 -11.91 35.71 -20.87
C GLU B 29 -10.95 34.54 -20.62
N ALA B 30 -11.13 33.86 -19.50
CA ALA B 30 -10.36 32.66 -19.23
C ALA B 30 -10.76 31.54 -20.17
N ASP B 31 -9.79 30.72 -20.56
CA ASP B 31 -10.06 29.64 -21.50
C ASP B 31 -10.79 28.50 -20.80
N ALA B 32 -11.18 27.50 -21.61
CA ALA B 32 -11.97 26.40 -21.08
C ALA B 32 -11.20 25.58 -20.06
N GLY B 33 -9.91 25.34 -20.30
CA GLY B 33 -9.14 24.52 -19.37
C GLY B 33 -8.95 25.15 -18.01
N THR B 34 -8.62 26.45 -17.97
CA THR B 34 -8.45 27.13 -16.70
C THR B 34 -9.76 27.18 -15.93
N LEU B 35 -10.86 27.47 -16.62
CA LEU B 35 -12.17 27.49 -15.97
C LEU B 35 -12.54 26.12 -15.43
N ASP B 36 -12.27 25.06 -16.21
CA ASP B 36 -12.57 23.71 -15.74
C ASP B 36 -11.73 23.34 -14.54
N ALA B 37 -10.46 23.72 -14.54
CA ALA B 37 -9.60 23.44 -13.39
C ALA B 37 -10.09 24.16 -12.14
N ALA B 38 -10.49 25.43 -12.29
CA ALA B 38 -11.03 26.16 -11.15
C ALA B 38 -12.33 25.54 -10.66
N LEU B 39 -13.19 25.12 -11.58
CA LEU B 39 -14.44 24.48 -11.21
C LEU B 39 -14.19 23.19 -10.44
N THR B 40 -13.25 22.38 -10.93
CA THR B 40 -12.93 21.11 -10.27
C THR B 40 -12.35 21.34 -8.88
N GLN B 41 -11.45 22.33 -8.75
CA GLN B 41 -10.88 22.64 -7.44
C GLN B 41 -11.98 23.09 -6.47
N SER B 42 -12.86 23.97 -6.93
CA SER B 42 -13.94 24.43 -6.08
C SER B 42 -14.88 23.29 -5.69
N LEU B 43 -15.18 22.41 -6.64
CA LEU B 43 -16.08 21.29 -6.34
C LEU B 43 -15.45 20.34 -5.33
N GLN B 44 -14.15 20.08 -5.45
CA GLN B 44 -13.48 19.22 -4.49
C GLN B 44 -13.45 19.87 -3.10
N GLU B 45 -13.20 21.18 -3.05
CA GLU B 45 -13.22 21.89 -1.77
C GLU B 45 -14.60 21.82 -1.13
N ALA B 46 -15.65 21.99 -1.94
CA ALA B 46 -17.01 21.95 -1.41
C ALA B 46 -17.41 20.54 -0.99
N GLN B 47 -16.93 19.53 -1.71
CA GLN B 47 -17.19 18.15 -1.32
C GLN B 47 -16.53 17.83 0.01
N GLY B 48 -15.34 18.38 0.25
CA GLY B 48 -14.70 18.20 1.53
C GLY B 48 -15.47 18.78 2.71
N ARG B 49 -16.42 19.68 2.45
CA ARG B 49 -17.16 20.36 3.51
C ARG B 49 -18.63 19.99 3.58
N TRP B 50 -19.20 19.46 2.51
CA TRP B 50 -20.62 19.11 2.51
C TRP B 50 -20.93 17.89 3.37
N GLY B 51 -19.92 17.08 3.67
CA GLY B 51 -20.14 15.88 4.48
C GLY B 51 -21.00 14.83 3.81
N LEU B 52 -20.87 14.68 2.48
CA LEU B 52 -21.59 13.64 1.77
C LEU B 52 -20.89 12.28 1.83
N GLY B 53 -19.63 12.24 2.26
CA GLY B 53 -18.91 11.00 2.35
C GLY B 53 -18.60 10.34 1.03
N LEU B 54 -18.20 11.11 0.03
CA LEU B 54 -17.86 10.60 -1.29
C LEU B 54 -16.38 10.80 -1.59
N HIS B 55 -15.53 10.67 -0.56
CA HIS B 55 -14.10 10.85 -0.74
C HIS B 55 -13.50 9.78 -1.63
N HIS B 56 -14.16 8.64 -1.77
CA HIS B 56 -13.68 7.56 -2.62
C HIS B 56 -13.83 7.86 -4.10
N LEU B 57 -14.51 8.94 -4.46
CA LEU B 57 -14.80 9.27 -5.85
C LEU B 57 -14.05 10.54 -6.24
N ARG B 58 -13.72 10.63 -7.53
CA ARG B 58 -13.07 11.82 -8.06
C ARG B 58 -14.12 12.77 -8.62
N HIS B 59 -14.24 13.94 -8.00
CA HIS B 59 -15.27 14.91 -8.36
C HIS B 59 -14.67 15.97 -9.27
N GLU B 60 -15.27 16.15 -10.44
CA GLU B 60 -14.77 17.09 -11.43
C GLU B 60 -15.93 17.91 -11.99
N ALA B 61 -15.60 19.09 -12.52
CA ALA B 61 -16.57 19.95 -13.15
C ALA B 61 -15.97 20.52 -14.43
N ARG B 62 -16.75 20.52 -15.51
CA ARG B 62 -16.22 20.95 -16.80
C ARG B 62 -17.27 21.75 -17.56
N LEU B 63 -16.80 22.61 -18.45
CA LEU B 63 -17.69 23.32 -19.35
C LEU B 63 -18.11 22.43 -20.50
N THR B 64 -19.38 22.52 -20.87
CA THR B 64 -19.90 21.74 -21.99
C THR B 64 -19.83 22.56 -23.27
N ASP B 65 -20.20 21.91 -24.38
CA ASP B 65 -20.18 22.59 -25.67
C ASP B 65 -21.25 23.68 -25.76
N ASP B 66 -22.32 23.56 -24.98
CA ASP B 66 -23.42 24.51 -25.02
C ASP B 66 -23.31 25.60 -23.97
N GLY B 67 -22.18 25.69 -23.27
CA GLY B 67 -21.99 26.74 -22.30
C GLY B 67 -22.48 26.45 -20.90
N ASP B 68 -22.83 25.20 -20.60
CA ASP B 68 -23.26 24.78 -19.28
C ASP B 68 -22.06 24.25 -18.49
N ILE B 69 -22.33 23.88 -17.23
CA ILE B 69 -21.32 23.30 -16.37
C ILE B 69 -21.82 21.91 -15.96
N GLU B 70 -20.98 20.90 -16.19
CA GLU B 70 -21.32 19.52 -15.90
C GLU B 70 -20.49 19.02 -14.73
N ILE B 71 -21.16 18.39 -13.78
CA ILE B 71 -20.52 17.81 -12.59
C ILE B 71 -20.44 16.30 -12.78
N LEU B 72 -19.24 15.75 -12.62
CA LEU B 72 -18.96 14.34 -12.87
C LEU B 72 -18.30 13.71 -11.66
N THR B 73 -18.56 12.41 -11.47
CA THR B 73 -17.89 11.59 -10.46
C THR B 73 -17.16 10.47 -11.18
N ASP B 74 -15.86 10.34 -10.93
CA ASP B 74 -14.99 9.37 -11.59
C ASP B 74 -15.02 9.51 -13.11
N GLY B 75 -15.26 10.73 -13.59
CA GLY B 75 -15.36 11.00 -15.00
C GLY B 75 -16.70 10.68 -15.62
N ARG B 76 -17.63 10.13 -14.85
CA ARG B 76 -18.97 9.79 -15.28
C ARG B 76 -19.91 10.96 -15.06
N PRO B 77 -20.63 11.37 -16.12
CA PRO B 77 -21.54 12.52 -15.99
C PRO B 77 -22.58 12.28 -14.91
N SER B 78 -22.55 13.11 -13.88
CA SER B 78 -23.47 13.01 -12.75
C SER B 78 -24.65 13.96 -12.86
N ALA B 79 -24.39 15.25 -13.13
CA ALA B 79 -25.47 16.21 -13.22
C ALA B 79 -25.01 17.45 -13.96
N ARG B 80 -25.95 18.38 -14.16
CA ARG B 80 -25.67 19.68 -14.74
C ARG B 80 -26.32 20.76 -13.90
N VAL B 81 -25.69 21.95 -13.89
CA VAL B 81 -26.16 23.03 -13.04
C VAL B 81 -27.52 23.56 -13.50
N SER B 82 -27.76 23.58 -14.81
CA SER B 82 -29.02 24.10 -15.32
C SER B 82 -30.22 23.28 -14.85
N GLU B 83 -30.00 22.04 -14.41
CA GLU B 83 -31.09 21.21 -13.92
C GLU B 83 -31.52 21.57 -12.51
N GLY B 84 -30.78 22.43 -11.82
CA GLY B 84 -31.12 22.83 -10.47
C GLY B 84 -30.24 22.16 -9.43
N PHE B 85 -30.23 22.76 -8.24
CA PHE B 85 -29.41 22.22 -7.16
C PHE B 85 -30.07 21.00 -6.54
N GLY B 86 -31.40 20.98 -6.46
CA GLY B 86 -32.09 19.79 -5.98
C GLY B 86 -31.85 18.60 -6.87
N ALA B 87 -31.74 18.82 -8.18
CA ALA B 87 -31.42 17.73 -9.10
C ALA B 87 -30.05 17.15 -8.81
N LEU B 88 -29.07 18.01 -8.54
CA LEU B 88 -27.72 17.52 -8.25
C LEU B 88 -27.68 16.79 -6.93
N ALA B 89 -28.44 17.27 -5.94
CA ALA B 89 -28.55 16.53 -4.68
C ALA B 89 -29.20 15.16 -4.90
N GLN B 90 -30.22 15.11 -5.75
CA GLN B 90 -30.87 13.84 -6.08
C GLN B 90 -29.89 12.90 -6.77
N ALA B 91 -29.05 13.44 -7.65
CA ALA B 91 -28.04 12.62 -8.32
C ALA B 91 -26.99 12.11 -7.34
N TYR B 92 -26.61 12.92 -6.36
CA TYR B 92 -25.63 12.49 -5.37
C TYR B 92 -26.20 11.49 -4.38
N ALA B 93 -27.51 11.52 -4.14
CA ALA B 93 -28.11 10.71 -3.07
C ALA B 93 -27.87 9.22 -3.22
N PRO B 94 -28.13 8.57 -4.37
CA PRO B 94 -27.95 7.11 -4.43
C PRO B 94 -26.51 6.66 -4.23
N MET B 95 -25.54 7.54 -4.46
CA MET B 95 -24.14 7.22 -4.25
C MET B 95 -23.71 7.31 -2.79
N GLN B 96 -24.60 7.76 -1.91
CA GLN B 96 -24.25 7.96 -0.52
C GLN B 96 -24.64 6.75 0.32
N ALA B 97 -24.08 6.70 1.53
CA ALA B 97 -24.39 5.66 2.52
C ALA B 97 -24.16 6.30 3.88
N LEU B 98 -25.24 6.66 4.55
CA LEU B 98 -25.17 7.36 5.83
C LEU B 98 -25.87 6.56 6.92
N ASP B 99 -25.29 6.59 8.12
CA ASP B 99 -25.87 5.90 9.26
C ASP B 99 -26.81 6.84 10.02
N GLU B 100 -27.25 6.40 11.20
CA GLU B 100 -28.21 7.18 11.97
C GLU B 100 -27.60 8.47 12.53
N ARG B 101 -26.29 8.54 12.66
CA ARG B 101 -25.63 9.74 13.17
C ARG B 101 -25.35 10.77 12.09
N GLY B 102 -25.64 10.47 10.84
CA GLY B 102 -25.29 11.36 9.75
C GLY B 102 -23.89 11.22 9.23
N LEU B 103 -23.17 10.18 9.64
CA LEU B 103 -21.80 9.94 9.22
C LEU B 103 -21.77 8.96 8.06
N SER B 104 -20.82 9.16 7.15
CA SER B 104 -20.69 8.28 6.00
C SER B 104 -20.17 6.91 6.43
N GLN B 105 -20.78 5.87 5.88
CA GLN B 105 -20.33 4.50 6.12
C GLN B 105 -19.28 4.06 5.12
N TRP B 106 -19.11 4.79 4.02
CA TRP B 106 -18.12 4.44 3.01
C TRP B 106 -16.71 4.72 3.51
N ALA B 107 -15.77 3.89 3.08
CA ALA B 107 -14.36 4.15 3.34
C ALA B 107 -13.76 5.03 2.25
N ALA B 108 -12.89 5.95 2.67
CA ALA B 108 -12.30 6.88 1.72
C ALA B 108 -11.28 6.20 0.82
N LEU B 109 -10.65 5.12 1.29
CA LEU B 109 -9.67 4.39 0.50
C LEU B 109 -10.28 3.26 -0.31
N GLY B 110 -11.59 3.08 -0.22
CA GLY B 110 -12.21 1.99 -0.97
C GLY B 110 -12.02 0.66 -0.28
N GLU B 111 -11.97 -0.41 -1.08
CA GLU B 111 -11.82 -1.74 -0.54
C GLU B 111 -10.47 -1.89 0.15
N GLY B 112 -10.48 -2.54 1.30
CA GLY B 112 -9.26 -2.71 2.08
C GLY B 112 -9.61 -2.66 3.56
N TYR B 113 -8.57 -2.86 4.37
CA TYR B 113 -8.76 -2.90 5.81
C TYR B 113 -9.01 -1.49 6.35
N ARG B 114 -9.89 -1.41 7.35
CA ARG B 114 -10.17 -0.16 8.05
C ARG B 114 -9.89 -0.35 9.53
N ALA B 115 -9.07 0.53 10.09
CA ALA B 115 -8.77 0.46 11.51
C ALA B 115 -9.98 0.87 12.33
N PRO B 116 -10.16 0.32 13.52
CA PRO B 116 -11.31 0.69 14.35
C PRO B 116 -11.22 2.15 14.80
N GLY B 117 -12.40 2.75 15.02
CA GLY B 117 -12.45 4.12 15.48
C GLY B 117 -12.02 4.31 16.91
N ASP B 118 -12.10 3.26 17.73
CA ASP B 118 -11.68 3.32 19.13
C ASP B 118 -10.21 2.95 19.30
N LEU B 119 -9.41 3.16 18.27
CA LEU B 119 -8.00 2.80 18.34
C LEU B 119 -7.26 3.70 19.33
N PRO B 120 -6.35 3.15 20.13
CA PRO B 120 -5.56 4.01 21.03
C PRO B 120 -4.65 4.94 20.25
N LEU B 121 -4.34 6.07 20.88
CA LEU B 121 -3.60 7.12 20.18
C LEU B 121 -2.16 6.71 19.88
N ALA B 122 -1.57 5.87 20.74
CA ALA B 122 -0.22 5.39 20.45
C ALA B 122 -0.20 4.51 19.21
N GLN B 123 -1.21 3.66 19.06
CA GLN B 123 -1.30 2.83 17.86
C GLN B 123 -1.52 3.69 16.61
N LEU B 124 -2.31 4.75 16.74
CA LEU B 124 -2.50 5.68 15.63
C LEU B 124 -1.19 6.39 15.28
N LYS B 125 -0.40 6.72 16.29
CA LYS B 125 0.91 7.33 16.03
C LYS B 125 1.81 6.35 15.29
N VAL B 126 1.79 5.08 15.67
CA VAL B 126 2.57 4.07 14.95
C VAL B 126 2.12 3.99 13.50
N LEU B 127 0.80 3.98 13.27
CA LEU B 127 0.29 3.93 11.91
C LEU B 127 0.69 5.16 11.12
N ILE B 128 0.66 6.33 11.74
CA ILE B 128 1.03 7.57 11.06
C ILE B 128 2.51 7.54 10.68
N GLU B 129 3.37 7.08 11.58
CA GLU B 129 4.80 7.12 11.33
C GLU B 129 5.29 6.04 10.38
N HIS B 130 4.70 4.84 10.41
CA HIS B 130 5.33 3.71 9.73
C HIS B 130 4.45 2.95 8.76
N ALA B 131 3.14 3.17 8.73
CA ALA B 131 2.32 2.49 7.74
C ALA B 131 2.41 3.19 6.40
N ARG B 132 2.05 2.47 5.34
CA ARG B 132 2.01 3.08 4.01
C ARG B 132 0.69 3.80 3.80
N ASP B 133 -0.40 3.04 3.76
CA ASP B 133 -1.75 3.60 3.64
C ASP B 133 -2.62 3.00 4.74
N PHE B 134 -3.46 3.84 5.34
CA PHE B 134 -4.33 3.40 6.41
C PHE B 134 -5.55 4.30 6.45
N GLU B 135 -6.58 3.84 7.15
CA GLU B 135 -7.79 4.62 7.35
C GLU B 135 -8.45 4.15 8.63
N THR B 136 -9.05 5.09 9.36
CA THR B 136 -9.75 4.79 10.60
C THR B 136 -11.24 5.10 10.43
N ASP B 137 -12.06 4.36 11.19
CA ASP B 137 -13.48 4.62 11.22
C ASP B 137 -13.77 5.87 12.05
N TRP B 138 -15.03 6.28 12.05
CA TRP B 138 -15.43 7.48 12.77
C TRP B 138 -15.25 7.29 14.27
N SER B 139 -14.71 8.32 14.92
CA SER B 139 -14.51 8.33 16.36
C SER B 139 -15.10 9.60 16.95
N ALA B 140 -15.60 9.50 18.17
CA ALA B 140 -16.18 10.64 18.84
C ALA B 140 -15.11 11.64 19.25
N GLY B 141 -15.43 12.93 19.15
CA GLY B 141 -14.49 13.97 19.48
C GLY B 141 -15.08 15.07 20.35
N ARG B 142 -14.31 16.13 20.56
CA ARG B 142 -14.75 17.23 21.41
C ARG B 142 -15.87 18.02 20.74
N GLY B 143 -16.79 18.51 21.57
CA GLY B 143 -17.85 19.39 21.08
C GLY B 143 -18.85 18.74 20.15
N GLU B 144 -19.27 17.51 20.45
CA GLU B 144 -20.27 16.78 19.68
C GLU B 144 -19.83 16.54 18.23
N THR B 145 -18.53 16.62 17.96
CA THR B 145 -18.01 16.33 16.64
C THR B 145 -17.45 14.91 16.57
N PHE B 146 -17.11 14.50 15.35
CA PHE B 146 -16.52 13.19 15.08
C PHE B 146 -15.30 13.39 14.19
N GLN B 147 -14.32 12.50 14.35
CA GLN B 147 -13.05 12.65 13.66
C GLN B 147 -12.63 11.34 13.03
N ARG B 148 -11.95 11.43 11.90
CA ARG B 148 -11.29 10.28 11.30
C ARG B 148 -10.12 10.76 10.46
N VAL B 149 -9.24 9.83 10.12
CA VAL B 149 -8.00 10.15 9.42
C VAL B 149 -7.66 9.01 8.47
N TRP B 150 -7.12 9.36 7.30
CA TRP B 150 -6.68 8.35 6.35
C TRP B 150 -5.58 8.93 5.47
N ARG B 151 -4.64 8.07 5.07
CA ARG B 151 -3.56 8.48 4.20
C ARG B 151 -3.62 7.73 2.87
N LYS B 152 -3.52 8.49 1.78
CA LYS B 152 -3.42 7.93 0.44
C LYS B 152 -2.14 8.46 -0.19
N GLY B 153 -1.25 7.55 -0.56
CA GLY B 153 0.03 7.92 -1.15
C GLY B 153 0.84 8.83 -0.26
N ASP B 154 1.00 10.08 -0.69
CA ASP B 154 1.79 11.07 0.03
C ASP B 154 0.92 12.14 0.69
N THR B 155 -0.38 11.90 0.81
CA THR B 155 -1.28 12.88 1.39
C THR B 155 -2.07 12.27 2.54
N LEU B 156 -2.09 12.97 3.67
CA LEU B 156 -2.84 12.56 4.85
C LEU B 156 -4.03 13.50 5.03
N PHE B 157 -5.23 12.92 5.12
CA PHE B 157 -6.48 13.66 5.25
C PHE B 157 -7.02 13.44 6.65
N VAL B 158 -7.35 14.53 7.33
CA VAL B 158 -7.99 14.50 8.65
C VAL B 158 -9.34 15.17 8.50
N GLU B 159 -10.41 14.41 8.73
CA GLU B 159 -11.78 14.90 8.55
C GLU B 159 -12.46 15.02 9.91
N VAL B 160 -13.03 16.20 10.17
CA VAL B 160 -13.82 16.46 11.37
C VAL B 160 -15.21 16.85 10.92
N ALA B 161 -16.22 16.15 11.43
CA ALA B 161 -17.59 16.29 10.96
C ALA B 161 -18.56 16.41 12.12
N ARG B 162 -19.46 17.39 12.02
CA ARG B 162 -20.66 17.46 12.85
C ARG B 162 -21.85 17.44 11.89
N PRO B 163 -22.44 16.27 11.66
CA PRO B 163 -23.55 16.19 10.71
C PRO B 163 -24.70 17.08 11.12
N ALA B 164 -25.33 17.70 10.13
CA ALA B 164 -26.45 18.62 10.35
C ALA B 164 -27.31 18.64 9.10
N SER B 165 -28.61 18.42 9.28
CA SER B 165 -29.52 18.49 8.15
C SER B 165 -29.71 19.93 7.71
N ALA B 166 -30.11 20.12 6.45
CA ALA B 166 -30.39 21.45 5.95
C ALA B 166 -31.55 22.09 6.69
N GLU B 167 -32.51 21.27 7.14
CA GLU B 167 -33.65 21.79 7.88
C GLU B 167 -33.22 22.44 9.18
N ALA B 168 -32.27 21.82 9.89
CA ALA B 168 -31.79 22.38 11.15
C ALA B 168 -31.08 23.71 10.94
N ALA B 169 -30.22 23.79 9.91
CA ALA B 169 -29.54 25.04 9.62
C ALA B 169 -30.52 26.12 9.22
N LEU B 170 -31.53 25.77 8.41
CA LEU B 170 -32.55 26.74 8.04
C LEU B 170 -33.31 27.22 9.27
N SER B 171 -33.64 26.31 10.18
CA SER B 171 -34.35 26.69 11.40
C SER B 171 -33.51 27.63 12.24
N LYS B 172 -32.21 27.35 12.35
CA LYS B 172 -31.31 28.18 13.17
C LYS B 172 -31.20 29.57 12.56
N ALA B 173 -31.07 29.63 11.22
CA ALA B 173 -30.97 30.92 10.55
C ALA B 173 -32.27 31.71 10.70
N ALA B 174 -33.42 31.04 10.59
CA ALA B 174 -34.69 31.72 10.77
C ALA B 174 -34.86 32.22 12.20
N TRP B 175 -34.41 31.43 13.18
CA TRP B 175 -34.40 31.87 14.57
C TRP B 175 -33.61 33.16 14.72
N LYS B 176 -32.39 33.18 14.18
CA LYS B 176 -31.54 34.37 14.30
C LYS B 176 -32.18 35.56 13.60
N VAL B 177 -32.74 35.34 12.41
CA VAL B 177 -33.34 36.44 11.65
C VAL B 177 -34.53 37.02 12.39
N ILE B 178 -35.39 36.14 12.94
CA ILE B 178 -36.54 36.61 13.69
C ILE B 178 -36.10 37.39 14.92
N ALA B 179 -35.08 36.89 15.62
CA ALA B 179 -34.60 37.60 16.81
C ALA B 179 -33.95 38.92 16.46
N SER B 180 -33.44 39.08 15.23
CA SER B 180 -32.73 40.28 14.85
C SER B 180 -33.61 41.35 14.19
N ILE B 181 -34.93 41.12 14.11
CA ILE B 181 -35.80 42.06 13.42
C ILE B 181 -35.97 43.33 14.26
N LYS B 182 -35.76 44.48 13.63
CA LYS B 182 -35.84 45.75 14.33
C LYS B 182 -37.28 46.19 14.58
N ASP B 183 -38.23 45.78 13.75
CA ASP B 183 -39.62 46.15 13.92
C ASP B 183 -40.23 45.29 15.03
N ARG B 184 -40.75 45.93 16.07
CA ARG B 184 -41.31 45.19 17.20
C ARG B 184 -42.57 44.43 16.81
N ALA B 185 -43.54 45.09 16.19
CA ALA B 185 -44.81 44.44 15.88
C ALA B 185 -44.62 43.34 14.83
N PHE B 186 -43.78 43.60 13.83
CA PHE B 186 -43.50 42.57 12.83
C PHE B 186 -42.85 41.35 13.47
N GLN B 187 -41.91 41.57 14.38
CA GLN B 187 -41.26 40.46 15.08
C GLN B 187 -42.27 39.69 15.93
N ARG B 188 -43.17 40.42 16.57
CA ARG B 188 -44.16 39.74 17.45
C ARG B 188 -45.10 38.89 16.59
N GLU B 189 -45.41 39.39 15.40
CA GLU B 189 -46.28 38.65 14.46
C GLU B 189 -45.55 37.40 14.00
N LEU B 190 -44.27 37.53 13.68
CA LEU B 190 -43.52 36.36 13.14
C LEU B 190 -43.38 35.32 14.25
N MET B 191 -43.05 35.77 15.47
CA MET B 191 -42.90 34.83 16.62
C MET B 191 -44.25 34.15 16.89
N ARG B 192 -45.35 34.85 16.60
CA ARG B 192 -46.70 34.29 16.81
C ARG B 192 -46.97 33.22 15.75
N ARG B 193 -46.69 33.54 14.49
CA ARG B 193 -46.88 32.56 13.39
C ARG B 193 -45.94 31.38 13.64
N SER B 194 -44.70 31.65 14.06
CA SER B 194 -43.79 30.56 14.38
C SER B 194 -44.43 29.55 15.31
N GLU B 195 -45.15 30.01 16.33
CA GLU B 195 -45.81 29.11 17.26
C GLU B 195 -46.63 28.05 16.54
N LYS B 196 -47.14 28.36 15.35
CA LYS B 196 -47.96 27.43 14.58
C LYS B 196 -47.21 26.71 13.46
N ASP B 197 -46.30 27.39 12.75
CA ASP B 197 -45.68 26.80 11.56
C ASP B 197 -44.16 26.81 11.61
N GLY B 198 -43.57 26.79 12.80
CA GLY B 198 -42.12 26.92 12.87
C GLY B 198 -41.63 28.27 12.37
N MET B 199 -40.40 28.61 12.70
CA MET B 199 -39.78 29.77 12.07
C MET B 199 -39.68 29.58 10.56
N LEU B 200 -39.74 28.33 10.10
CA LEU B 200 -39.80 28.03 8.67
C LEU B 200 -40.99 28.72 8.02
N GLY B 201 -42.22 28.36 8.40
CA GLY B 201 -43.37 29.01 7.80
C GLY B 201 -43.53 30.44 8.25
N ALA B 202 -42.91 30.80 9.38
CA ALA B 202 -42.92 32.20 9.78
C ALA B 202 -42.19 33.07 8.77
N LEU B 203 -40.96 32.69 8.41
CA LEU B 203 -40.19 33.46 7.45
C LEU B 203 -40.72 33.29 6.03
N LEU B 204 -41.06 32.07 5.64
CA LEU B 204 -41.56 31.84 4.29
C LEU B 204 -42.92 32.50 4.09
N GLY B 205 -43.77 32.50 5.12
CA GLY B 205 -45.08 33.09 5.00
C GLY B 205 -45.08 34.61 4.98
N ALA B 206 -43.96 35.22 5.31
CA ALA B 206 -43.84 36.68 5.30
C ALA B 206 -43.27 37.17 3.98
N LEU B 215 -38.53 27.70 -2.32
CA LEU B 215 -37.55 27.32 -1.32
C LEU B 215 -36.51 26.35 -1.89
N ALA B 216 -36.98 25.44 -2.75
CA ALA B 216 -36.09 24.45 -3.35
C ALA B 216 -35.08 25.09 -4.29
N GLN B 217 -35.39 26.29 -4.81
CA GLN B 217 -34.47 26.95 -5.72
C GLN B 217 -33.18 27.36 -5.02
N LEU B 218 -33.25 27.68 -3.73
CA LEU B 218 -32.07 28.11 -2.99
C LEU B 218 -31.20 26.90 -2.66
N PRO B 219 -29.92 26.92 -2.99
CA PRO B 219 -29.06 25.75 -2.71
C PRO B 219 -28.92 25.43 -1.24
N GLU B 220 -29.11 26.40 -0.36
CA GLU B 220 -28.99 26.14 1.08
C GLU B 220 -30.02 25.14 1.58
N ALA B 221 -31.10 24.91 0.84
CA ALA B 221 -32.10 23.93 1.23
C ALA B 221 -31.64 22.50 1.01
N HIS B 222 -30.53 22.30 0.30
CA HIS B 222 -30.04 20.97 -0.02
C HIS B 222 -28.62 20.71 0.46
N PHE B 223 -27.79 21.74 0.56
CA PHE B 223 -26.39 21.59 0.94
C PHE B 223 -26.05 22.52 2.09
N THR B 224 -25.41 21.97 3.11
CA THR B 224 -24.94 22.75 4.24
C THR B 224 -23.63 22.15 4.72
N VAL B 225 -22.86 22.95 5.45
CA VAL B 225 -21.55 22.51 5.92
C VAL B 225 -21.74 21.49 7.03
N GLN B 226 -21.15 20.30 6.85
CA GLN B 226 -21.19 19.26 7.86
C GLN B 226 -19.81 18.77 8.27
N ALA B 227 -18.75 19.12 7.56
CA ALA B 227 -17.43 18.58 7.85
C ALA B 227 -16.36 19.51 7.30
N PHE B 228 -15.11 19.17 7.62
CA PHE B 228 -13.95 19.83 7.06
C PHE B 228 -12.79 18.84 7.03
N VAL B 229 -12.03 18.85 5.93
CA VAL B 229 -10.90 17.96 5.74
C VAL B 229 -9.65 18.81 5.60
N GLN B 230 -8.65 18.54 6.45
CA GLN B 230 -7.35 19.20 6.39
C GLN B 230 -6.32 18.20 5.88
N THR B 231 -5.42 18.68 5.02
CA THR B 231 -4.47 17.82 4.34
C THR B 231 -3.04 18.16 4.72
N LEU B 232 -2.25 17.12 4.94
CA LEU B 232 -0.81 17.23 5.15
C LEU B 232 -0.09 16.46 4.04
N SER B 233 1.09 16.95 3.66
CA SER B 233 1.87 16.36 2.59
C SER B 233 3.33 16.23 3.01
N GLY B 234 4.02 15.28 2.40
CA GLY B 234 5.44 15.11 2.66
C GLY B 234 5.68 14.53 4.04
N ALA B 235 6.78 14.94 4.66
CA ALA B 235 7.12 14.45 5.99
C ALA B 235 6.07 14.84 7.02
N ALA B 236 5.36 15.94 6.79
CA ALA B 236 4.28 16.33 7.69
C ALA B 236 3.18 15.27 7.73
N ALA B 237 3.05 14.47 6.68
CA ALA B 237 2.07 13.40 6.68
C ALA B 237 2.47 12.26 7.61
N ARG B 238 3.72 12.19 8.02
CA ARG B 238 4.21 11.12 8.90
C ARG B 238 4.65 11.66 10.25
N ASN B 239 4.07 12.78 10.69
CA ASN B 239 4.43 13.41 11.94
C ASN B 239 3.19 13.53 12.82
N ALA B 240 3.28 13.04 14.06
CA ALA B 240 2.14 13.09 14.96
C ALA B 240 1.81 14.52 15.38
N GLU B 241 2.83 15.36 15.58
CA GLU B 241 2.58 16.76 15.90
C GLU B 241 1.80 17.44 14.79
N GLU B 242 2.20 17.20 13.54
CA GLU B 242 1.47 17.77 12.42
C GLU B 242 0.05 17.23 12.35
N TYR B 243 -0.14 15.95 12.68
CA TYR B 243 -1.49 15.38 12.65
C TYR B 243 -2.38 16.05 13.70
N ARG B 244 -1.87 16.24 14.91
CA ARG B 244 -2.67 16.88 15.94
C ARG B 244 -2.96 18.34 15.59
N ALA B 245 -1.96 19.04 15.05
CA ALA B 245 -2.19 20.41 14.60
C ALA B 245 -3.25 20.46 13.51
N ALA B 246 -3.20 19.53 12.56
CA ALA B 246 -4.19 19.49 11.50
C ALA B 246 -5.58 19.17 12.04
N LEU B 247 -5.66 18.30 13.05
CA LEU B 247 -6.94 18.01 13.66
C LEU B 247 -7.54 19.25 14.32
N LYS B 248 -6.70 19.99 15.05
CA LYS B 248 -7.18 21.23 15.68
C LYS B 248 -7.63 22.25 14.63
N THR B 249 -6.83 22.41 13.57
CA THR B 249 -7.21 23.34 12.52
C THR B 249 -8.48 22.90 11.81
N ALA B 250 -8.67 21.60 11.64
CA ALA B 250 -9.88 21.10 10.99
C ALA B 250 -11.11 21.37 11.85
N ALA B 251 -11.00 21.16 13.17
CA ALA B 251 -12.12 21.47 14.05
C ALA B 251 -12.44 22.96 14.03
N ALA B 252 -11.40 23.79 14.11
CA ALA B 252 -11.61 25.24 14.08
C ALA B 252 -12.22 25.68 12.75
N ALA B 253 -11.78 25.08 11.65
CA ALA B 253 -12.33 25.43 10.34
C ALA B 253 -13.77 24.99 10.22
N LEU B 254 -14.11 23.83 10.77
CA LEU B 254 -15.51 23.42 10.78
C LEU B 254 -16.37 24.44 11.52
N GLU B 255 -15.90 24.88 12.69
CA GLU B 255 -16.62 25.90 13.44
C GLU B 255 -16.79 27.18 12.62
N GLU B 256 -15.68 27.68 12.07
CA GLU B 256 -15.71 28.95 11.37
C GLU B 256 -16.60 28.89 10.14
N TYR B 257 -16.54 27.80 9.38
CA TYR B 257 -17.31 27.72 8.16
C TYR B 257 -18.78 27.48 8.44
N GLN B 258 -19.10 26.72 9.50
CA GLN B 258 -20.50 26.61 9.90
C GLN B 258 -21.07 27.96 10.32
N GLY B 259 -20.30 28.74 11.08
CA GLY B 259 -20.76 30.08 11.44
C GLY B 259 -20.93 30.97 10.23
N VAL B 260 -19.98 30.92 9.30
CA VAL B 260 -20.05 31.74 8.09
C VAL B 260 -21.30 31.37 7.28
N THR B 261 -21.54 30.07 7.11
CA THR B 261 -22.70 29.65 6.32
C THR B 261 -24.01 30.00 7.00
N THR B 262 -24.06 29.89 8.33
CA THR B 262 -25.30 30.24 9.02
C THR B 262 -25.57 31.74 8.95
N ARG B 263 -24.51 32.55 9.02
CA ARG B 263 -24.70 33.99 8.86
C ARG B 263 -25.10 34.35 7.44
N GLN B 264 -24.52 33.65 6.46
CA GLN B 264 -24.88 33.88 5.06
C GLN B 264 -26.33 33.51 4.80
N LEU B 265 -26.79 32.40 5.38
CA LEU B 265 -28.18 31.99 5.22
C LEU B 265 -29.11 32.98 5.90
N SER B 266 -28.72 33.48 7.07
CA SER B 266 -29.52 34.52 7.72
C SER B 266 -29.61 35.77 6.84
N GLU B 267 -28.50 36.17 6.23
CA GLU B 267 -28.52 37.33 5.35
C GLU B 267 -29.42 37.09 4.15
N VAL B 268 -29.36 35.90 3.56
CA VAL B 268 -30.16 35.63 2.37
C VAL B 268 -31.64 35.49 2.71
N LEU B 269 -31.98 35.12 3.94
CA LEU B 269 -33.37 35.07 4.35
C LEU B 269 -33.92 36.42 4.79
N ARG B 270 -33.05 37.41 5.00
CA ARG B 270 -33.48 38.73 5.43
C ARG B 270 -33.89 39.57 4.22
#